data_6IIU
#
_entry.id   6IIU
#
_cell.length_a   81.160
_cell.length_b   155.080
_cell.length_c   128.130
_cell.angle_alpha   90.00
_cell.angle_beta   90.00
_cell.angle_gamma   90.00
#
_symmetry.space_group_name_H-M   'C 2 2 21'
#
loop_
_entity.id
_entity.type
_entity.pdbx_description
1 polymer 'Soluble cytochrome b562,Thromboxane A2 receptor,Rubredoxin,Thromboxane A2 receptor'
2 non-polymer '3-[(3R)-3-[(4-fluorophenyl)sulfonylamino]-1,2,3,4-tetrahydrocarbazol-9-yl]propanoic acid'
3 non-polymer 'ZINC ION'
4 non-polymer CHOLESTEROL
5 non-polymer '(2R)-2,3-dihydroxypropyl (9Z)-octadec-9-enoate'
6 non-polymer GLYCEROL
7 water water
#
_entity_poly.entity_id   1
_entity_poly.type   'polypeptide(L)'
_entity_poly.pdbx_seq_one_letter_code
;DYKDDDDGAPADLEDNWETLNDNLKVIEKADNAAQVKDALTKMRAAALDAQKATPPKLEDKSPDSPEMKDFRHGFDILVG
QIDDALKLANEGKVKEAQAAAEQLKTTRNAYIQKYLPCFRPTNITLEERRLIASPWFAASFCVVGLASNLLALSVLAGAR
QGGSHTRSSFLTFLCGLVLTDFLGLLVTGTIVVSQHAALFEWHAVDPGCRLCRFMGVVMIFFGLSPLLLGAAMASERYLG
ITRPFSRPAVASQRRAWATVGLVWAAALALGLLPLLGVGRYTVQYPGSWCFLTLGAESGDVAFGLLFSMLGGLSVGLSFL
LNTVSVATLCHVYHGMKKYTCTVCGYIYNPEDGDPDNGVNPGTDFKDIPDDWVCPLCGVGKDQFEEVEERDSEVEMMAQA
LGIMVVASVCWLPLLVFIAQTVLRNPPAMSPAGQLSRTTEKELLIYLRVATWNQILDPWVYILFRRAVLRRLQPRLEFLE
VLFQ
;
_entity_poly.pdbx_strand_id   A
#
# COMPACT_ATOMS: atom_id res chain seq x y z
N ALA A 11 -6.80 22.47 24.31
CA ALA A 11 -6.19 21.26 23.73
C ALA A 11 -6.90 20.78 22.45
N ASP A 12 -6.29 19.76 21.77
CA ASP A 12 -6.82 19.14 20.55
C ASP A 12 -8.09 18.34 20.87
N LEU A 13 -9.00 18.19 19.87
CA LEU A 13 -10.26 17.45 20.04
C LEU A 13 -10.00 16.01 20.46
N GLU A 14 -9.05 15.35 19.80
CA GLU A 14 -8.65 13.97 20.04
C GLU A 14 -8.21 13.75 21.49
N ASP A 15 -7.50 14.71 22.06
CA ASP A 15 -7.10 14.62 23.45
C ASP A 15 -8.29 14.69 24.41
N ASN A 16 -9.26 15.60 24.13
CA ASN A 16 -10.47 15.76 24.94
C ASN A 16 -11.36 14.52 24.81
N TRP A 17 -11.43 13.98 23.59
CA TRP A 17 -12.14 12.75 23.24
C TRP A 17 -11.59 11.60 24.10
N GLU A 18 -10.25 11.43 24.14
CA GLU A 18 -9.58 10.41 24.95
C GLU A 18 -9.88 10.61 26.43
N THR A 19 -9.71 11.85 26.95
CA THR A 19 -10.04 12.23 28.33
C THR A 19 -11.48 11.80 28.65
N LEU A 20 -12.45 12.12 27.76
CA LEU A 20 -13.84 11.74 27.96
C LEU A 20 -14.04 10.24 28.09
N ASN A 21 -13.49 9.45 27.15
CA ASN A 21 -13.61 7.99 27.19
C ASN A 21 -12.92 7.36 28.39
N ASP A 22 -11.70 7.82 28.71
CA ASP A 22 -10.92 7.32 29.85
C ASP A 22 -11.79 7.38 31.13
N ASN A 23 -12.43 8.53 31.35
CA ASN A 23 -13.32 8.80 32.48
C ASN A 23 -14.67 8.06 32.38
N LEU A 24 -15.09 7.66 31.16
CA LEU A 24 -16.34 6.92 31.01
C LEU A 24 -16.20 5.49 31.56
N LYS A 25 -15.04 4.86 31.30
CA LYS A 25 -14.65 3.52 31.82
C LYS A 25 -14.52 3.59 33.36
N VAL A 26 -14.05 4.74 33.89
CA VAL A 26 -13.89 5.02 35.33
C VAL A 26 -15.26 4.98 36.03
N ILE A 27 -16.28 5.70 35.48
CA ILE A 27 -17.65 5.72 36.03
C ILE A 27 -18.27 4.32 35.93
N GLU A 28 -17.95 3.60 34.84
CA GLU A 28 -18.40 2.24 34.59
C GLU A 28 -17.90 1.28 35.70
N LYS A 29 -16.56 1.28 35.98
CA LYS A 29 -15.95 0.43 37.02
C LYS A 29 -16.30 0.87 38.45
N ALA A 30 -16.45 2.19 38.66
CA ALA A 30 -16.72 2.88 39.94
C ALA A 30 -17.68 2.19 40.92
N ASP A 31 -17.40 2.36 42.23
CA ASP A 31 -18.16 1.78 43.34
C ASP A 31 -18.79 2.84 44.25
N ASN A 32 -18.34 4.10 44.20
CA ASN A 32 -18.92 5.15 45.06
C ASN A 32 -19.22 6.45 44.32
N ALA A 33 -20.08 7.30 44.92
CA ALA A 33 -20.50 8.61 44.39
C ALA A 33 -19.33 9.59 44.22
N ALA A 34 -18.37 9.60 45.20
CA ALA A 34 -17.18 10.48 45.21
C ALA A 34 -16.23 10.24 44.04
N GLN A 35 -16.01 8.95 43.68
CA GLN A 35 -15.13 8.57 42.58
C GLN A 35 -15.79 8.75 41.20
N VAL A 36 -17.14 8.80 41.16
CA VAL A 36 -17.97 9.05 39.98
C VAL A 36 -17.98 10.56 39.75
N LYS A 37 -18.01 11.33 40.86
CA LYS A 37 -17.98 12.81 40.88
C LYS A 37 -16.66 13.32 40.25
N ASP A 38 -15.49 12.78 40.68
CA ASP A 38 -14.18 13.20 40.15
C ASP A 38 -14.06 12.92 38.65
N ALA A 39 -14.54 11.74 38.20
CA ALA A 39 -14.57 11.36 36.79
C ALA A 39 -15.49 12.32 35.99
N LEU A 40 -16.64 12.69 36.59
CA LEU A 40 -17.59 13.61 35.97
C LEU A 40 -17.09 15.05 35.92
N THR A 41 -16.28 15.46 36.92
CA THR A 41 -15.68 16.81 36.97
C THR A 41 -14.67 16.95 35.82
N LYS A 42 -13.82 15.91 35.61
CA LYS A 42 -12.80 15.87 34.56
C LYS A 42 -13.44 15.94 33.19
N MET A 43 -14.60 15.27 33.03
CA MET A 43 -15.38 15.24 31.80
C MET A 43 -15.95 16.61 31.47
N ARG A 44 -16.42 17.37 32.49
CA ARG A 44 -16.96 18.73 32.30
C ARG A 44 -15.86 19.68 31.82
N ALA A 45 -14.65 19.60 32.41
CA ALA A 45 -13.53 20.43 31.99
C ALA A 45 -13.12 20.08 30.55
N ALA A 46 -13.06 18.76 30.22
CA ALA A 46 -12.72 18.27 28.87
C ALA A 46 -13.76 18.70 27.83
N ALA A 47 -15.06 18.71 28.21
CA ALA A 47 -16.15 19.15 27.33
C ALA A 47 -16.10 20.66 27.08
N LEU A 48 -15.81 21.45 28.14
CA LEU A 48 -15.71 22.92 28.02
C LEU A 48 -14.47 23.28 27.22
N ASP A 49 -13.39 22.50 27.41
CA ASP A 49 -12.14 22.64 26.67
C ASP A 49 -12.42 22.37 25.16
N ALA A 50 -13.04 21.20 24.83
CA ALA A 50 -13.37 20.80 23.45
C ALA A 50 -14.31 21.79 22.73
N GLN A 51 -15.15 22.53 23.49
CA GLN A 51 -16.10 23.53 22.96
C GLN A 51 -15.39 24.70 22.27
N LYS A 52 -14.21 25.09 22.80
CA LYS A 52 -13.36 26.17 22.30
C LYS A 52 -12.58 25.77 21.05
N ALA A 53 -12.48 24.47 20.77
CA ALA A 53 -11.75 23.93 19.61
C ALA A 53 -12.35 24.32 18.27
N THR A 54 -11.50 24.29 17.23
CA THR A 54 -11.90 24.53 15.84
C THR A 54 -11.65 23.20 15.07
N PRO A 55 -12.73 22.46 14.74
CA PRO A 55 -12.53 21.20 14.03
C PRO A 55 -12.08 21.45 12.59
N PRO A 56 -11.10 20.66 12.06
CA PRO A 56 -10.64 20.89 10.68
C PRO A 56 -11.73 20.90 9.61
N LYS A 57 -12.81 20.10 9.78
CA LYS A 57 -13.89 20.07 8.79
C LYS A 57 -14.80 21.32 8.86
N LEU A 58 -14.46 22.31 9.73
CA LEU A 58 -15.17 23.59 9.89
C LEU A 58 -14.18 24.79 9.84
N GLU A 59 -13.01 24.62 9.19
CA GLU A 59 -11.95 25.64 9.06
C GLU A 59 -12.38 26.88 8.29
N ASP A 60 -13.01 26.71 7.12
CA ASP A 60 -13.47 27.80 6.26
C ASP A 60 -14.68 28.56 6.86
N LYS A 61 -15.43 27.92 7.77
CA LYS A 61 -16.60 28.50 8.44
C LYS A 61 -16.16 29.54 9.47
N SER A 62 -16.82 30.73 9.47
CA SER A 62 -16.57 31.85 10.39
C SER A 62 -16.86 31.43 11.85
N PRO A 63 -16.24 32.05 12.89
CA PRO A 63 -16.52 31.64 14.28
C PRO A 63 -17.99 31.68 14.70
N ASP A 64 -18.81 32.53 14.05
CA ASP A 64 -20.23 32.74 14.35
C ASP A 64 -21.20 32.16 13.29
N SER A 65 -20.70 31.22 12.44
CA SER A 65 -21.49 30.55 11.39
C SER A 65 -22.50 29.50 11.97
N PRO A 66 -23.52 29.02 11.20
CA PRO A 66 -24.46 28.01 11.75
C PRO A 66 -23.77 26.71 12.19
N GLU A 67 -22.84 26.21 11.36
CA GLU A 67 -22.06 25.01 11.59
C GLU A 67 -21.24 25.09 12.90
N MET A 68 -20.68 26.28 13.23
CA MET A 68 -19.92 26.55 14.46
C MET A 68 -20.84 26.66 15.68
N LYS A 69 -22.05 27.23 15.49
CA LYS A 69 -23.05 27.36 16.54
C LYS A 69 -23.52 25.96 16.96
N ASP A 70 -23.85 25.09 15.97
CA ASP A 70 -24.24 23.69 16.22
C ASP A 70 -23.09 22.89 16.87
N PHE A 71 -21.82 23.21 16.51
CA PHE A 71 -20.65 22.59 17.09
C PHE A 71 -20.57 22.89 18.58
N ARG A 72 -20.54 24.20 18.95
CA ARG A 72 -20.47 24.66 20.33
C ARG A 72 -21.71 24.24 21.13
N HIS A 73 -22.86 24.14 20.46
CA HIS A 73 -24.10 23.73 21.12
C HIS A 73 -24.04 22.28 21.59
N GLY A 74 -23.39 21.42 20.80
CA GLY A 74 -23.19 20.01 21.14
C GLY A 74 -22.55 19.83 22.50
N PHE A 75 -21.61 20.70 22.84
CA PHE A 75 -20.93 20.65 24.13
C PHE A 75 -21.80 21.21 25.24
N ASP A 76 -22.80 22.09 24.93
CA ASP A 76 -23.73 22.58 25.95
C ASP A 76 -24.62 21.40 26.33
N ILE A 77 -25.00 20.57 25.34
CA ILE A 77 -25.79 19.36 25.52
C ILE A 77 -24.99 18.32 26.36
N LEU A 78 -23.70 18.15 26.04
CA LEU A 78 -22.80 17.26 26.77
C LEU A 78 -22.59 17.73 28.22
N VAL A 79 -22.29 19.03 28.42
CA VAL A 79 -22.10 19.63 29.75
C VAL A 79 -23.41 19.54 30.55
N GLY A 80 -24.55 19.71 29.87
CA GLY A 80 -25.86 19.59 30.50
C GLY A 80 -26.12 18.17 30.95
N GLN A 81 -25.61 17.18 30.20
CA GLN A 81 -25.74 15.75 30.51
C GLN A 81 -24.77 15.38 31.63
N ILE A 82 -23.58 16.05 31.67
CA ILE A 82 -22.55 15.86 32.70
C ILE A 82 -23.08 16.41 34.01
N ASP A 83 -23.63 17.63 33.99
CA ASP A 83 -24.26 18.31 35.13
C ASP A 83 -25.46 17.54 35.66
N ASP A 84 -26.21 16.85 34.78
CA ASP A 84 -27.34 16.01 35.18
C ASP A 84 -26.85 14.77 35.92
N ALA A 85 -25.72 14.21 35.53
CA ALA A 85 -25.11 13.06 36.19
C ALA A 85 -24.34 13.49 37.46
N LEU A 86 -23.84 14.76 37.49
CA LEU A 86 -23.11 15.36 38.62
C LEU A 86 -24.05 15.63 39.76
N LYS A 87 -25.28 16.10 39.44
CA LYS A 87 -26.37 16.35 40.38
C LYS A 87 -26.74 15.00 41.03
N LEU A 88 -26.85 13.92 40.21
CA LEU A 88 -27.15 12.55 40.64
C LEU A 88 -26.06 11.99 41.57
N ALA A 89 -24.77 12.33 41.31
CA ALA A 89 -23.66 11.85 42.14
C ALA A 89 -23.57 12.64 43.45
N ASN A 90 -23.83 13.95 43.41
CA ASN A 90 -23.84 14.84 44.59
C ASN A 90 -25.07 14.61 45.50
N GLU A 91 -26.11 13.95 44.95
CA GLU A 91 -27.33 13.56 45.65
C GLU A 91 -27.17 12.09 46.13
N GLY A 92 -25.93 11.58 46.06
CA GLY A 92 -25.52 10.26 46.52
C GLY A 92 -25.93 9.05 45.71
N LYS A 93 -26.86 9.19 44.74
CA LYS A 93 -27.32 8.08 43.91
C LYS A 93 -26.23 7.57 42.92
N VAL A 94 -25.65 6.39 43.20
CA VAL A 94 -24.54 5.76 42.44
C VAL A 94 -24.98 5.21 41.07
N LYS A 95 -25.93 4.26 41.04
CA LYS A 95 -26.41 3.64 39.78
C LYS A 95 -27.13 4.63 38.85
N GLU A 96 -27.74 5.68 39.42
CA GLU A 96 -28.44 6.73 38.68
C GLU A 96 -27.46 7.61 37.88
N ALA A 97 -26.30 7.96 38.50
CA ALA A 97 -25.24 8.75 37.88
C ALA A 97 -24.46 7.92 36.84
N GLN A 98 -24.39 6.59 37.03
CA GLN A 98 -23.75 5.67 36.10
C GLN A 98 -24.63 5.48 34.86
N ALA A 99 -25.95 5.65 35.03
CA ALA A 99 -26.95 5.52 33.96
C ALA A 99 -26.88 6.73 33.05
N ALA A 100 -26.88 7.95 33.65
CA ALA A 100 -26.80 9.22 32.94
C ALA A 100 -25.44 9.42 32.26
N ALA A 101 -24.37 8.84 32.83
CA ALA A 101 -23.03 8.91 32.26
C ALA A 101 -22.90 8.04 31.03
N GLU A 102 -23.59 6.88 31.01
CA GLU A 102 -23.56 5.94 29.87
C GLU A 102 -24.28 6.50 28.63
N GLN A 103 -25.16 7.49 28.83
CA GLN A 103 -25.87 8.21 27.75
C GLN A 103 -24.87 9.04 26.91
N LEU A 104 -23.77 9.49 27.55
CA LEU A 104 -22.70 10.28 26.92
C LEU A 104 -21.92 9.47 25.87
N LYS A 105 -22.02 8.13 25.93
CA LYS A 105 -21.36 7.27 24.94
C LYS A 105 -22.04 7.43 23.58
N THR A 106 -23.34 7.74 23.59
CA THR A 106 -24.11 7.98 22.36
C THR A 106 -23.93 9.43 21.89
N THR A 107 -24.03 10.42 22.80
CA THR A 107 -23.88 11.83 22.44
C THR A 107 -22.45 12.21 22.05
N ARG A 108 -21.41 11.52 22.59
CA ARG A 108 -20.00 11.75 22.21
C ARG A 108 -19.82 11.43 20.73
N ASN A 109 -20.60 10.48 20.19
CA ASN A 109 -20.56 10.10 18.78
C ASN A 109 -21.21 11.16 17.92
N ALA A 110 -22.30 11.76 18.41
CA ALA A 110 -22.99 12.80 17.68
C ALA A 110 -22.21 14.12 17.66
N TYR A 111 -21.59 14.47 18.80
CA TYR A 111 -20.95 15.78 18.98
C TYR A 111 -19.42 15.79 18.92
N ILE A 112 -18.75 14.66 19.10
CA ILE A 112 -17.28 14.70 19.07
C ILE A 112 -16.73 13.89 17.96
N GLN A 113 -17.11 12.60 17.89
CA GLN A 113 -16.60 11.61 16.94
C GLN A 113 -16.50 12.15 15.51
N LYS A 114 -17.58 12.71 14.95
CA LYS A 114 -17.58 13.18 13.54
C LYS A 114 -16.63 14.33 13.26
N TYR A 115 -16.11 14.98 14.29
CA TYR A 115 -15.23 16.15 14.15
C TYR A 115 -13.76 15.81 14.32
N LEU A 116 -13.47 14.52 14.54
CA LEU A 116 -12.13 14.02 14.73
C LEU A 116 -11.29 14.12 13.44
N PRO A 117 -9.95 14.33 13.54
CA PRO A 117 -9.14 14.56 12.32
C PRO A 117 -9.28 13.55 11.13
N CYS A 118 -9.74 12.29 11.34
CA CYS A 118 -10.06 11.26 10.32
C CYS A 118 -10.98 11.75 9.26
N PHE A 119 -12.02 12.46 9.73
CA PHE A 119 -13.21 12.75 8.97
C PHE A 119 -13.19 14.10 8.33
N ARG A 120 -13.20 14.05 7.00
CA ARG A 120 -13.28 15.25 6.18
C ARG A 120 -14.77 15.46 5.84
N PRO A 121 -15.22 16.66 5.40
CA PRO A 121 -16.63 16.79 5.05
C PRO A 121 -16.96 16.06 3.74
N THR A 122 -18.15 15.43 3.67
CA THR A 122 -18.68 14.70 2.51
C THR A 122 -20.15 15.09 2.29
N ASN A 123 -20.62 14.89 1.04
CA ASN A 123 -22.00 15.14 0.63
C ASN A 123 -22.66 13.79 0.25
N ILE A 124 -22.33 12.74 1.04
CA ILE A 124 -22.92 11.41 0.92
C ILE A 124 -24.17 11.36 1.81
N THR A 125 -25.24 10.77 1.30
CA THR A 125 -26.51 10.63 2.02
C THR A 125 -26.60 9.23 2.58
N LEU A 126 -27.54 9.00 3.52
CA LEU A 126 -27.78 7.69 4.12
C LEU A 126 -28.23 6.69 3.02
N GLU A 127 -29.07 7.17 2.06
CA GLU A 127 -29.57 6.36 0.93
C GLU A 127 -28.46 5.90 0.00
N GLU A 128 -27.52 6.82 -0.39
CA GLU A 128 -26.36 6.52 -1.26
C GLU A 128 -25.49 5.42 -0.62
N ARG A 129 -25.37 5.46 0.72
CA ARG A 129 -24.60 4.52 1.53
C ARG A 129 -25.22 3.13 1.50
N ARG A 130 -26.55 3.03 1.63
CA ARG A 130 -27.27 1.76 1.63
C ARG A 130 -27.13 1.08 0.26
N LEU A 131 -27.04 1.89 -0.82
CA LEU A 131 -26.87 1.41 -2.19
C LEU A 131 -25.47 0.86 -2.46
N ILE A 132 -24.40 1.58 -2.02
CA ILE A 132 -22.99 1.19 -2.21
C ILE A 132 -22.63 0.00 -1.32
N ALA A 133 -23.13 -0.01 -0.06
CA ALA A 133 -22.82 -1.08 0.92
C ALA A 133 -23.13 -2.48 0.41
N SER A 134 -22.07 -3.25 0.13
CA SER A 134 -22.14 -4.62 -0.37
C SER A 134 -21.04 -5.49 0.29
N PRO A 135 -21.25 -5.88 1.58
CA PRO A 135 -20.23 -6.68 2.28
C PRO A 135 -19.95 -8.07 1.70
N TRP A 136 -20.98 -8.71 1.12
CA TRP A 136 -20.84 -10.04 0.53
C TRP A 136 -20.06 -10.04 -0.76
N PHE A 137 -20.19 -8.99 -1.59
CA PHE A 137 -19.47 -8.82 -2.85
C PHE A 137 -17.99 -8.67 -2.55
N ALA A 138 -17.67 -7.78 -1.60
CA ALA A 138 -16.31 -7.47 -1.15
C ALA A 138 -15.61 -8.69 -0.55
N ALA A 139 -16.29 -9.42 0.37
CA ALA A 139 -15.76 -10.63 1.01
C ALA A 139 -15.41 -11.70 -0.01
N SER A 140 -16.34 -12.01 -0.91
CA SER A 140 -16.18 -12.99 -1.99
C SER A 140 -14.94 -12.66 -2.82
N PHE A 141 -14.82 -11.38 -3.17
CA PHE A 141 -13.74 -10.83 -3.94
C PHE A 141 -12.35 -10.93 -3.24
N CYS A 142 -12.30 -10.86 -1.88
CA CYS A 142 -11.10 -11.01 -1.07
C CYS A 142 -10.72 -12.46 -1.02
N VAL A 143 -11.73 -13.33 -0.84
CA VAL A 143 -11.56 -14.78 -0.79
C VAL A 143 -10.89 -15.27 -2.08
N VAL A 144 -11.33 -14.74 -3.24
CA VAL A 144 -10.77 -15.05 -4.57
C VAL A 144 -9.29 -14.64 -4.63
N GLY A 145 -8.97 -13.48 -4.07
CA GLY A 145 -7.61 -12.95 -4.02
C GLY A 145 -6.69 -13.74 -3.13
N LEU A 146 -7.19 -14.16 -1.97
CA LEU A 146 -6.47 -14.96 -0.98
C LEU A 146 -6.25 -16.37 -1.51
N ALA A 147 -7.30 -16.99 -2.10
CA ALA A 147 -7.23 -18.32 -2.73
C ALA A 147 -6.19 -18.32 -3.86
N SER A 148 -6.13 -17.25 -4.68
CA SER A 148 -5.15 -17.09 -5.76
C SER A 148 -3.72 -17.05 -5.23
N ASN A 149 -3.52 -16.29 -4.15
CA ASN A 149 -2.21 -16.17 -3.53
C ASN A 149 -1.81 -17.47 -2.80
N LEU A 150 -2.79 -18.19 -2.18
CA LEU A 150 -2.51 -19.47 -1.54
C LEU A 150 -2.13 -20.52 -2.60
N LEU A 151 -2.78 -20.46 -3.78
CA LEU A 151 -2.49 -21.33 -4.92
C LEU A 151 -1.06 -21.08 -5.43
N ALA A 152 -0.65 -19.79 -5.59
CA ALA A 152 0.70 -19.48 -6.07
C ALA A 152 1.74 -20.04 -5.09
N LEU A 153 1.54 -19.78 -3.78
CA LEU A 153 2.44 -20.29 -2.72
C LEU A 153 2.53 -21.81 -2.74
N SER A 154 1.40 -22.49 -3.00
CA SER A 154 1.33 -23.94 -3.09
C SER A 154 2.15 -24.47 -4.29
N VAL A 155 1.95 -23.90 -5.50
CA VAL A 155 2.69 -24.31 -6.70
C VAL A 155 4.19 -23.84 -6.62
N LEU A 156 4.49 -22.86 -5.76
CA LEU A 156 5.86 -22.38 -5.54
C LEU A 156 6.58 -23.32 -4.59
N ALA A 157 5.83 -23.96 -3.68
CA ALA A 157 6.36 -24.93 -2.71
C ALA A 157 6.80 -26.20 -3.41
N GLY A 158 6.10 -26.59 -4.47
CA GLY A 158 6.41 -27.76 -5.29
C GLY A 158 7.29 -27.44 -6.48
N ALA A 159 8.10 -26.36 -6.39
CA ALA A 159 9.01 -25.92 -7.44
C ALA A 159 10.35 -25.48 -6.85
N THR A 166 15.50 -23.72 -6.83
CA THR A 166 15.15 -23.94 -5.43
C THR A 166 15.60 -22.71 -4.62
N ARG A 167 16.94 -22.47 -4.60
CA ARG A 167 17.63 -21.37 -3.92
C ARG A 167 17.77 -20.10 -4.81
N SER A 168 16.87 -19.95 -5.82
CA SER A 168 16.84 -18.83 -6.76
C SER A 168 16.45 -17.51 -6.09
N SER A 169 17.09 -16.41 -6.52
CA SER A 169 16.84 -15.05 -6.08
C SER A 169 15.50 -14.56 -6.62
N PHE A 170 15.16 -14.92 -7.86
CA PHE A 170 13.94 -14.54 -8.53
C PHE A 170 12.73 -15.10 -7.80
N LEU A 171 12.80 -16.40 -7.42
CA LEU A 171 11.69 -17.02 -6.70
C LEU A 171 11.57 -16.46 -5.28
N THR A 172 12.68 -15.96 -4.72
CA THR A 172 12.69 -15.35 -3.40
C THR A 172 11.86 -14.07 -3.45
N PHE A 173 12.13 -13.20 -4.45
CA PHE A 173 11.39 -11.96 -4.65
C PHE A 173 9.91 -12.23 -4.95
N LEU A 174 9.66 -13.23 -5.81
CA LEU A 174 8.33 -13.72 -6.19
C LEU A 174 7.56 -14.22 -4.95
N CYS A 175 8.23 -14.94 -4.03
CA CYS A 175 7.65 -15.43 -2.77
C CYS A 175 7.31 -14.23 -1.83
N GLY A 176 8.18 -13.22 -1.84
CA GLY A 176 7.96 -11.97 -1.12
C GLY A 176 6.70 -11.26 -1.60
N LEU A 177 6.51 -11.22 -2.94
CA LEU A 177 5.40 -10.56 -3.65
C LEU A 177 4.08 -11.25 -3.37
N VAL A 178 4.06 -12.59 -3.37
CA VAL A 178 2.85 -13.36 -3.10
C VAL A 178 2.42 -13.24 -1.64
N LEU A 179 3.38 -13.28 -0.69
CA LEU A 179 3.11 -13.13 0.75
C LEU A 179 2.61 -11.72 1.05
N THR A 180 3.17 -10.69 0.37
CA THR A 180 2.74 -9.30 0.51
C THR A 180 1.32 -9.13 -0.03
N ASP A 181 1.01 -9.67 -1.25
CA ASP A 181 -0.34 -9.59 -1.84
C ASP A 181 -1.37 -10.29 -0.97
N PHE A 182 -1.06 -11.53 -0.50
CA PHE A 182 -1.95 -12.31 0.38
C PHE A 182 -2.26 -11.50 1.63
N LEU A 183 -1.24 -11.07 2.37
CA LEU A 183 -1.40 -10.31 3.62
C LEU A 183 -2.11 -8.99 3.43
N GLY A 184 -1.81 -8.30 2.33
CA GLY A 184 -2.44 -7.04 1.99
C GLY A 184 -3.94 -7.19 1.91
N LEU A 185 -4.38 -8.15 1.08
CA LEU A 185 -5.80 -8.46 0.89
C LEU A 185 -6.50 -8.84 2.20
N LEU A 186 -5.83 -9.63 3.05
CA LEU A 186 -6.37 -10.07 4.33
C LEU A 186 -6.56 -8.92 5.33
N VAL A 187 -5.53 -8.08 5.54
CA VAL A 187 -5.59 -6.97 6.50
C VAL A 187 -6.57 -5.88 6.05
N THR A 188 -6.32 -5.24 4.89
CA THR A 188 -7.13 -4.19 4.29
C THR A 188 -8.53 -4.69 3.86
N GLY A 189 -8.60 -5.93 3.37
CA GLY A 189 -9.86 -6.55 2.93
C GLY A 189 -10.86 -6.69 4.06
N THR A 190 -10.38 -7.13 5.25
CA THR A 190 -11.23 -7.31 6.43
C THR A 190 -11.72 -5.98 7.00
N ILE A 191 -10.99 -4.88 6.75
CA ILE A 191 -11.43 -3.55 7.20
C ILE A 191 -12.50 -3.05 6.23
N VAL A 192 -12.27 -3.23 4.94
CA VAL A 192 -13.19 -2.88 3.87
C VAL A 192 -14.54 -3.61 4.06
N VAL A 193 -14.51 -4.93 4.25
CA VAL A 193 -15.69 -5.78 4.45
C VAL A 193 -16.44 -5.37 5.72
N SER A 194 -15.71 -5.09 6.83
CA SER A 194 -16.35 -4.66 8.09
C SER A 194 -17.11 -3.34 7.89
N GLN A 195 -16.49 -2.38 7.17
CA GLN A 195 -17.09 -1.07 6.90
C GLN A 195 -18.31 -1.14 6.02
N HIS A 196 -18.36 -2.09 5.05
CA HIS A 196 -19.53 -2.28 4.18
C HIS A 196 -20.65 -2.88 5.02
N ALA A 197 -20.32 -3.89 5.86
CA ALA A 197 -21.24 -4.56 6.79
C ALA A 197 -21.79 -3.60 7.86
N ALA A 198 -21.09 -2.50 8.14
CA ALA A 198 -21.52 -1.50 9.12
C ALA A 198 -22.14 -0.26 8.46
N LEU A 199 -22.38 -0.33 7.13
CA LEU A 199 -22.95 0.77 6.35
C LEU A 199 -22.11 2.07 6.45
N PHE A 200 -20.79 1.90 6.52
CA PHE A 200 -19.76 2.93 6.55
C PHE A 200 -19.80 3.82 7.80
N GLU A 201 -20.45 3.35 8.89
CA GLU A 201 -20.49 4.05 10.18
C GLU A 201 -19.26 3.60 10.98
N TRP A 202 -18.11 4.32 10.83
CA TRP A 202 -16.84 4.00 11.47
C TRP A 202 -16.91 3.71 12.98
N HIS A 203 -17.74 4.49 13.74
CA HIS A 203 -17.91 4.30 15.19
C HIS A 203 -18.41 2.90 15.57
N ALA A 204 -19.17 2.23 14.66
CA ALA A 204 -19.72 0.89 14.86
C ALA A 204 -18.59 -0.14 14.88
N VAL A 205 -17.59 0.05 14.00
CA VAL A 205 -16.41 -0.82 13.89
C VAL A 205 -15.39 -0.42 14.98
N ASP A 206 -14.89 0.83 14.95
CA ASP A 206 -13.96 1.36 15.94
C ASP A 206 -14.25 2.83 16.24
N PRO A 207 -14.73 3.20 17.45
CA PRO A 207 -14.95 4.64 17.74
C PRO A 207 -13.59 5.32 17.87
N GLY A 208 -13.49 6.52 17.33
CA GLY A 208 -12.25 7.28 17.29
C GLY A 208 -11.53 7.24 15.97
N CYS A 209 -10.22 7.44 16.02
CA CYS A 209 -9.41 7.55 14.82
C CYS A 209 -8.29 6.49 14.60
N ARG A 210 -8.05 5.59 15.59
CA ARG A 210 -6.99 4.58 15.59
C ARG A 210 -7.05 3.63 14.39
N LEU A 211 -8.23 3.01 14.13
CA LEU A 211 -8.38 2.06 13.03
C LEU A 211 -8.13 2.70 11.69
N CYS A 212 -8.61 3.94 11.50
CA CYS A 212 -8.39 4.70 10.29
C CYS A 212 -6.90 4.89 10.01
N ARG A 213 -6.12 5.32 11.02
CA ARG A 213 -4.68 5.53 10.88
C ARG A 213 -3.95 4.25 10.65
N PHE A 214 -4.40 3.15 11.28
CA PHE A 214 -3.79 1.84 11.08
C PHE A 214 -4.02 1.47 9.58
N MET A 215 -5.27 1.61 9.09
CA MET A 215 -5.71 1.36 7.72
C MET A 215 -4.81 2.12 6.74
N GLY A 216 -4.57 3.41 6.97
CA GLY A 216 -3.74 4.24 6.11
C GLY A 216 -2.32 3.75 5.98
N VAL A 217 -1.64 3.51 7.12
CA VAL A 217 -0.26 2.97 7.19
C VAL A 217 -0.13 1.70 6.36
N VAL A 218 -1.07 0.78 6.59
CA VAL A 218 -1.16 -0.54 5.99
C VAL A 218 -1.56 -0.46 4.50
N MET A 219 -2.27 0.60 4.07
CA MET A 219 -2.62 0.84 2.68
C MET A 219 -1.36 1.24 1.88
N ILE A 220 -0.52 2.12 2.48
CA ILE A 220 0.73 2.61 1.89
C ILE A 220 1.71 1.44 1.82
N PHE A 221 1.89 0.73 2.96
CA PHE A 221 2.77 -0.43 3.07
C PHE A 221 2.49 -1.46 1.96
N PHE A 222 1.21 -1.92 1.85
CA PHE A 222 0.79 -2.92 0.85
C PHE A 222 0.53 -2.33 -0.56
N GLY A 223 0.77 -1.05 -0.71
CA GLY A 223 0.63 -0.36 -1.99
C GLY A 223 2.01 -0.21 -2.61
N LEU A 224 2.96 0.23 -1.79
CA LEU A 224 4.31 0.41 -2.22
C LEU A 224 5.11 -0.90 -2.31
N SER A 225 4.94 -1.83 -1.33
CA SER A 225 5.67 -3.10 -1.30
C SER A 225 5.59 -3.94 -2.58
N PRO A 226 4.38 -4.24 -3.17
CA PRO A 226 4.36 -5.06 -4.40
C PRO A 226 5.11 -4.38 -5.55
N LEU A 227 5.00 -3.04 -5.64
CA LEU A 227 5.66 -2.23 -6.65
C LEU A 227 7.19 -2.25 -6.51
N LEU A 228 7.67 -2.04 -5.29
CA LEU A 228 9.10 -2.10 -5.01
C LEU A 228 9.64 -3.52 -5.25
N LEU A 229 8.86 -4.58 -4.91
CA LEU A 229 9.24 -5.97 -5.12
C LEU A 229 9.28 -6.33 -6.60
N GLY A 230 8.41 -5.69 -7.40
CA GLY A 230 8.39 -5.85 -8.84
C GLY A 230 9.65 -5.29 -9.48
N ALA A 231 10.12 -4.14 -8.98
CA ALA A 231 11.36 -3.49 -9.42
C ALA A 231 12.56 -4.34 -8.99
N ALA A 232 12.47 -4.97 -7.80
CA ALA A 232 13.53 -5.86 -7.30
C ALA A 232 13.71 -7.06 -8.28
N MET A 233 12.57 -7.63 -8.77
CA MET A 233 12.51 -8.74 -9.73
C MET A 233 13.12 -8.36 -11.08
N ALA A 234 12.81 -7.16 -11.60
CA ALA A 234 13.37 -6.65 -12.85
C ALA A 234 14.91 -6.49 -12.73
N SER A 235 15.39 -6.04 -11.54
CA SER A 235 16.81 -5.85 -11.19
C SER A 235 17.57 -7.17 -11.14
N GLU A 236 16.96 -8.21 -10.53
CA GLU A 236 17.53 -9.56 -10.45
C GLU A 236 17.71 -10.12 -11.87
N ARG A 237 16.68 -9.98 -12.74
CA ARG A 237 16.69 -10.40 -14.15
C ARG A 237 17.80 -9.70 -14.92
N TYR A 238 17.87 -8.36 -14.82
CA TYR A 238 18.87 -7.55 -15.49
C TYR A 238 20.28 -7.98 -15.10
N LEU A 239 20.61 -8.01 -13.79
CA LEU A 239 21.94 -8.43 -13.34
C LEU A 239 22.23 -9.86 -13.71
N GLY A 240 21.23 -10.73 -13.56
CA GLY A 240 21.33 -12.16 -13.87
C GLY A 240 21.58 -12.49 -15.33
N ILE A 241 20.92 -11.78 -16.26
CA ILE A 241 21.03 -11.97 -17.71
C ILE A 241 22.24 -11.21 -18.30
N THR A 242 22.48 -9.97 -17.84
CA THR A 242 23.57 -9.17 -18.37
C THR A 242 24.92 -9.62 -17.84
N ARG A 243 25.05 -9.85 -16.53
CA ARG A 243 26.32 -10.34 -15.98
C ARG A 243 26.43 -11.87 -16.19
N PRO A 244 27.64 -12.49 -16.21
CA PRO A 244 27.69 -13.96 -16.43
C PRO A 244 26.83 -14.78 -15.45
N PHE A 245 26.54 -16.03 -15.83
CA PHE A 245 25.72 -16.91 -15.01
C PHE A 245 26.40 -17.33 -13.70
N SER A 246 25.56 -17.49 -12.67
CA SER A 246 25.91 -17.98 -11.34
C SER A 246 24.77 -18.88 -10.88
N ARG A 247 25.12 -20.16 -10.56
CA ARG A 247 24.17 -21.17 -10.09
C ARG A 247 23.49 -20.71 -8.78
N PRO A 248 22.13 -20.69 -8.70
CA PRO A 248 21.46 -20.26 -7.47
C PRO A 248 22.11 -20.81 -6.20
N ALA A 249 22.76 -19.89 -5.47
CA ALA A 249 23.50 -20.17 -4.26
C ALA A 249 22.66 -19.82 -3.03
N VAL A 250 23.03 -20.39 -1.88
CA VAL A 250 22.38 -20.16 -0.58
C VAL A 250 22.58 -18.69 -0.17
N ALA A 251 23.73 -18.10 -0.55
CA ALA A 251 24.14 -16.73 -0.30
C ALA A 251 23.28 -15.74 -1.09
N SER A 252 22.99 -16.09 -2.36
CA SER A 252 22.17 -15.26 -3.23
C SER A 252 20.71 -15.23 -2.73
N GLN A 253 20.21 -16.38 -2.19
CA GLN A 253 18.86 -16.52 -1.66
C GLN A 253 18.76 -15.70 -0.35
N ARG A 254 19.83 -15.76 0.47
CA ARG A 254 20.01 -15.04 1.71
C ARG A 254 19.98 -13.52 1.40
N ARG A 255 20.80 -13.08 0.43
CA ARG A 255 20.86 -11.69 -0.05
C ARG A 255 19.50 -11.20 -0.55
N ALA A 256 18.75 -12.03 -1.29
CA ALA A 256 17.42 -11.70 -1.82
C ALA A 256 16.39 -11.55 -0.69
N TRP A 257 16.44 -12.41 0.33
CA TRP A 257 15.54 -12.29 1.49
C TRP A 257 15.85 -11.04 2.33
N ALA A 258 17.14 -10.69 2.50
CA ALA A 258 17.57 -9.50 3.22
C ALA A 258 17.00 -8.27 2.49
N THR A 259 17.05 -8.27 1.15
CA THR A 259 16.53 -7.20 0.29
C THR A 259 15.00 -7.04 0.44
N VAL A 260 14.24 -8.15 0.52
CA VAL A 260 12.77 -8.14 0.71
C VAL A 260 12.44 -7.48 2.07
N GLY A 261 13.27 -7.74 3.08
CA GLY A 261 13.15 -7.15 4.41
C GLY A 261 13.41 -5.66 4.41
N LEU A 262 14.41 -5.21 3.60
CA LEU A 262 14.76 -3.79 3.46
C LEU A 262 13.63 -3.09 2.72
N VAL A 263 13.06 -3.75 1.70
CA VAL A 263 11.90 -3.22 0.98
C VAL A 263 10.70 -3.04 1.93
N TRP A 264 10.37 -4.07 2.73
CA TRP A 264 9.28 -4.01 3.71
C TRP A 264 9.49 -2.88 4.74
N ALA A 265 10.73 -2.71 5.24
CA ALA A 265 11.13 -1.69 6.22
C ALA A 265 10.99 -0.29 5.61
N ALA A 266 11.34 -0.14 4.32
CA ALA A 266 11.25 1.13 3.62
C ALA A 266 9.76 1.49 3.40
N ALA A 267 8.93 0.48 3.03
CA ALA A 267 7.50 0.68 2.80
C ALA A 267 6.79 1.02 4.14
N LEU A 268 7.19 0.37 5.24
CA LEU A 268 6.66 0.66 6.58
C LEU A 268 7.05 2.10 7.00
N ALA A 269 8.36 2.47 6.93
CA ALA A 269 8.86 3.82 7.27
C ALA A 269 8.08 4.92 6.55
N LEU A 270 7.81 4.69 5.27
CA LEU A 270 7.06 5.60 4.43
C LEU A 270 5.62 5.78 4.93
N GLY A 271 4.95 4.68 5.33
CA GLY A 271 3.60 4.67 5.86
C GLY A 271 3.46 5.39 7.19
N LEU A 272 4.55 5.51 7.95
CA LEU A 272 4.61 6.14 9.25
C LEU A 272 4.81 7.64 9.13
N LEU A 273 5.15 8.17 7.93
CA LEU A 273 5.34 9.62 7.76
C LEU A 273 4.16 10.46 8.29
N PRO A 274 2.83 10.17 8.06
CA PRO A 274 1.78 11.04 8.65
C PRO A 274 1.76 11.04 10.17
N LEU A 275 2.26 9.98 10.81
CA LEU A 275 2.35 9.88 12.26
C LEU A 275 3.45 10.77 12.78
N LEU A 276 4.43 11.05 11.93
CA LEU A 276 5.55 11.94 12.18
C LEU A 276 5.20 13.37 11.75
N GLY A 277 4.06 13.55 11.09
CA GLY A 277 3.59 14.85 10.66
C GLY A 277 3.86 15.26 9.22
N VAL A 278 4.03 14.28 8.33
CA VAL A 278 4.20 14.56 6.91
C VAL A 278 3.03 13.82 6.29
N GLY A 279 1.97 14.55 5.99
CA GLY A 279 0.76 13.97 5.42
C GLY A 279 -0.25 13.67 6.50
N ARG A 280 -1.37 13.03 6.11
CA ARG A 280 -2.45 12.71 7.03
C ARG A 280 -3.37 11.71 6.43
N TYR A 281 -3.83 10.78 7.24
CA TYR A 281 -4.75 9.74 6.85
C TYR A 281 -6.17 10.15 7.20
N THR A 282 -7.05 10.10 6.21
CA THR A 282 -8.45 10.41 6.37
C THR A 282 -9.27 9.33 5.69
N VAL A 283 -10.51 9.15 6.15
CA VAL A 283 -11.55 8.28 5.60
C VAL A 283 -11.88 8.79 4.18
N GLN A 284 -12.08 7.88 3.25
CA GLN A 284 -12.28 8.18 1.85
C GLN A 284 -13.60 7.61 1.38
N TYR A 285 -14.23 8.25 0.40
CA TYR A 285 -15.49 7.78 -0.18
C TYR A 285 -15.27 6.32 -0.71
N PRO A 286 -16.17 5.34 -0.45
CA PRO A 286 -17.50 5.47 0.21
C PRO A 286 -17.51 5.53 1.75
N GLY A 287 -16.35 5.33 2.36
CA GLY A 287 -16.22 5.35 3.81
C GLY A 287 -15.75 4.01 4.32
N SER A 288 -15.18 3.21 3.39
CA SER A 288 -14.69 1.85 3.63
C SER A 288 -13.17 1.81 3.78
N TRP A 289 -12.48 2.93 3.51
CA TRP A 289 -11.02 2.94 3.53
C TRP A 289 -10.43 4.28 3.86
N CYS A 290 -9.23 4.23 4.44
CA CYS A 290 -8.43 5.40 4.77
C CYS A 290 -7.20 5.41 3.87
N PHE A 291 -6.67 6.60 3.60
CA PHE A 291 -5.52 6.79 2.73
C PHE A 291 -4.96 8.20 2.93
N LEU A 292 -3.81 8.51 2.26
CA LEU A 292 -3.22 9.86 2.26
C LEU A 292 -4.27 10.85 1.77
N THR A 293 -4.26 12.07 2.30
CA THR A 293 -5.25 13.06 1.97
C THR A 293 -4.83 13.84 0.71
N LEU A 294 -5.65 13.80 -0.33
CA LEU A 294 -5.38 14.52 -1.58
C LEU A 294 -5.69 16.01 -1.41
N GLY A 295 -4.88 16.68 -0.59
CA GLY A 295 -5.01 18.10 -0.26
C GLY A 295 -3.93 18.93 -0.92
N ALA A 296 -3.98 20.25 -0.72
CA ALA A 296 -3.00 21.16 -1.33
C ALA A 296 -1.99 21.67 -0.30
N GLU A 297 -2.12 21.22 0.97
CA GLU A 297 -1.19 21.53 2.05
C GLU A 297 0.18 20.88 1.72
N SER A 298 1.26 21.57 2.13
CA SER A 298 2.67 21.20 1.95
C SER A 298 2.90 19.69 2.16
N GLY A 299 2.44 19.17 3.30
CA GLY A 299 2.53 17.78 3.70
C GLY A 299 1.76 16.80 2.84
N ASP A 300 0.55 17.21 2.37
CA ASP A 300 -0.30 16.42 1.47
C ASP A 300 0.36 16.32 0.10
N VAL A 301 0.97 17.42 -0.38
CA VAL A 301 1.67 17.47 -1.65
C VAL A 301 2.93 16.58 -1.57
N ALA A 302 3.78 16.80 -0.55
CA ALA A 302 5.02 16.05 -0.34
C ALA A 302 4.79 14.52 -0.20
N PHE A 303 3.81 14.11 0.60
CA PHE A 303 3.52 12.71 0.83
C PHE A 303 2.84 12.10 -0.38
N GLY A 304 1.90 12.82 -1.00
CA GLY A 304 1.20 12.36 -2.19
C GLY A 304 2.15 12.13 -3.36
N LEU A 305 3.12 13.04 -3.54
CA LEU A 305 4.12 12.94 -4.61
C LEU A 305 5.14 11.89 -4.23
N LEU A 306 5.50 11.78 -2.94
CA LEU A 306 6.46 10.75 -2.51
C LEU A 306 5.94 9.36 -2.83
N PHE A 307 4.65 9.13 -2.56
CA PHE A 307 4.02 7.86 -2.85
C PHE A 307 3.94 7.56 -4.36
N SER A 308 3.46 8.54 -5.17
CA SER A 308 3.29 8.39 -6.61
C SER A 308 4.64 8.35 -7.37
N MET A 309 5.64 9.15 -6.95
CA MET A 309 6.97 9.15 -7.56
C MET A 309 7.64 7.81 -7.29
N LEU A 310 7.56 7.29 -6.03
CA LEU A 310 8.15 5.99 -5.67
C LEU A 310 7.57 4.84 -6.49
N GLY A 311 6.25 4.79 -6.62
CA GLY A 311 5.55 3.78 -7.42
C GLY A 311 5.81 3.92 -8.90
N GLY A 312 5.76 5.17 -9.41
CA GLY A 312 6.03 5.50 -10.79
C GLY A 312 7.42 5.05 -11.20
N LEU A 313 8.44 5.48 -10.44
CA LEU A 313 9.84 5.12 -10.66
C LEU A 313 10.07 3.62 -10.62
N SER A 314 9.34 2.89 -9.76
CA SER A 314 9.44 1.43 -9.65
C SER A 314 9.01 0.76 -10.95
N VAL A 315 7.90 1.23 -11.52
CA VAL A 315 7.35 0.71 -12.78
C VAL A 315 8.25 1.14 -13.98
N GLY A 316 8.75 2.38 -13.96
CA GLY A 316 9.64 2.92 -14.97
C GLY A 316 10.97 2.21 -15.02
N LEU A 317 11.55 1.95 -13.84
CA LEU A 317 12.79 1.19 -13.71
C LEU A 317 12.56 -0.22 -14.23
N SER A 318 11.41 -0.85 -13.88
CA SER A 318 11.07 -2.20 -14.33
C SER A 318 11.00 -2.27 -15.85
N PHE A 319 10.46 -1.21 -16.50
CA PHE A 319 10.37 -1.11 -17.94
C PHE A 319 11.77 -1.08 -18.60
N LEU A 320 12.63 -0.14 -18.16
CA LEU A 320 14.00 0.04 -18.65
C LEU A 320 14.83 -1.24 -18.56
N LEU A 321 14.90 -1.84 -17.35
CA LEU A 321 15.68 -3.05 -17.12
C LEU A 321 15.16 -4.27 -17.89
N ASN A 322 13.84 -4.39 -18.01
CA ASN A 322 13.22 -5.53 -18.68
C ASN A 322 13.41 -5.50 -20.17
N THR A 323 13.38 -4.31 -20.80
CA THR A 323 13.57 -4.17 -22.24
C THR A 323 15.02 -4.59 -22.57
N VAL A 324 16.01 -4.10 -21.79
CA VAL A 324 17.42 -4.48 -21.95
C VAL A 324 17.61 -6.01 -21.76
N SER A 325 16.94 -6.62 -20.76
CA SER A 325 17.02 -8.06 -20.49
C SER A 325 16.41 -8.91 -21.62
N VAL A 326 15.21 -8.52 -22.12
CA VAL A 326 14.55 -9.26 -23.20
C VAL A 326 15.45 -9.18 -24.44
N ALA A 327 15.94 -7.97 -24.79
CA ALA A 327 16.81 -7.76 -25.94
C ALA A 327 18.10 -8.59 -25.82
N THR A 328 18.67 -8.71 -24.60
CA THR A 328 19.87 -9.51 -24.35
C THR A 328 19.56 -11.01 -24.55
N LEU A 329 18.40 -11.49 -24.06
CA LEU A 329 17.99 -12.89 -24.19
C LEU A 329 17.74 -13.27 -25.63
N CYS A 330 17.10 -12.37 -26.38
CA CYS A 330 16.81 -12.62 -27.79
C CYS A 330 18.08 -12.77 -28.62
N HIS A 331 19.02 -11.82 -28.47
CA HIS A 331 20.32 -11.78 -29.14
C HIS A 331 21.22 -12.95 -28.79
N VAL A 332 21.15 -13.42 -27.54
CA VAL A 332 21.97 -14.46 -26.95
C VAL A 332 21.41 -15.90 -27.17
N TYR A 333 20.08 -16.10 -27.20
CA TYR A 333 19.46 -17.43 -27.39
C TYR A 333 19.15 -17.75 -28.88
N HIS A 334 19.95 -17.17 -29.78
CA HIS A 334 19.84 -17.37 -31.22
C HIS A 334 21.23 -17.20 -31.86
N GLY A 335 21.43 -17.83 -33.01
CA GLY A 335 22.68 -17.71 -33.75
C GLY A 335 23.74 -18.72 -33.39
N MET A 336 25.02 -18.31 -33.47
CA MET A 336 26.18 -19.18 -33.23
C MET A 336 26.50 -19.28 -31.74
N LYS A 337 27.34 -20.24 -31.34
CA LYS A 337 27.71 -20.47 -29.95
C LYS A 337 28.47 -19.28 -29.37
N LYS A 338 27.88 -18.62 -28.41
CA LYS A 338 28.43 -17.44 -27.75
C LYS A 338 29.17 -17.79 -26.46
N TYR A 339 30.05 -16.89 -26.06
CA TYR A 339 30.89 -17.02 -24.89
C TYR A 339 30.96 -15.69 -24.20
N THR A 340 30.97 -15.68 -22.87
CA THR A 340 31.03 -14.44 -22.11
C THR A 340 32.30 -14.37 -21.28
N CYS A 341 32.85 -13.16 -21.15
CA CYS A 341 33.99 -12.87 -20.30
C CYS A 341 33.40 -12.83 -18.87
N THR A 342 33.85 -13.75 -18.00
CA THR A 342 33.38 -13.85 -16.62
C THR A 342 33.99 -12.77 -15.71
N VAL A 343 34.49 -11.66 -16.29
CA VAL A 343 35.13 -10.55 -15.56
C VAL A 343 34.39 -9.24 -15.87
N CYS A 344 34.08 -8.99 -17.15
CA CYS A 344 33.38 -7.76 -17.56
C CYS A 344 32.01 -8.02 -18.22
N GLY A 345 31.71 -9.28 -18.53
CA GLY A 345 30.46 -9.63 -19.19
C GLY A 345 30.44 -9.51 -20.70
N TYR A 346 31.60 -9.10 -21.34
CA TYR A 346 31.71 -8.97 -22.81
C TYR A 346 31.30 -10.28 -23.45
N ILE A 347 30.46 -10.21 -24.48
CA ILE A 347 30.03 -11.43 -25.14
C ILE A 347 30.77 -11.55 -26.44
N TYR A 348 31.49 -12.67 -26.60
CA TYR A 348 32.15 -12.94 -27.86
C TYR A 348 31.05 -13.48 -28.79
N ASN A 349 30.76 -12.73 -29.86
CA ASN A 349 29.76 -13.13 -30.82
C ASN A 349 30.48 -13.52 -32.10
N PRO A 350 30.40 -14.82 -32.49
CA PRO A 350 31.12 -15.29 -33.70
C PRO A 350 30.71 -14.55 -34.97
N GLU A 351 29.42 -14.12 -35.06
CA GLU A 351 28.83 -13.33 -36.16
C GLU A 351 29.70 -12.07 -36.44
N ASP A 352 30.18 -11.40 -35.36
CA ASP A 352 30.99 -10.18 -35.43
C ASP A 352 32.49 -10.37 -35.39
N GLY A 353 32.97 -11.37 -34.64
CA GLY A 353 34.40 -11.61 -34.43
C GLY A 353 34.96 -10.53 -33.52
N ASP A 354 36.19 -10.11 -33.78
CA ASP A 354 36.92 -9.02 -33.11
C ASP A 354 37.93 -8.61 -34.19
N PRO A 355 37.46 -7.95 -35.29
CA PRO A 355 38.33 -7.72 -36.45
C PRO A 355 39.51 -6.79 -36.25
N ASP A 356 39.37 -5.82 -35.33
CA ASP A 356 40.45 -4.90 -35.01
C ASP A 356 41.65 -5.65 -34.38
N ASN A 357 41.39 -6.90 -33.91
CA ASN A 357 42.39 -7.75 -33.29
C ASN A 357 42.59 -9.10 -34.02
N GLY A 358 42.31 -9.10 -35.32
CA GLY A 358 42.55 -10.24 -36.20
C GLY A 358 41.49 -11.31 -36.35
N VAL A 359 40.40 -11.21 -35.57
CA VAL A 359 39.34 -12.19 -35.60
C VAL A 359 38.23 -11.70 -36.54
N ASN A 360 38.21 -12.27 -37.75
CA ASN A 360 37.21 -11.95 -38.76
C ASN A 360 35.86 -12.53 -38.38
N PRO A 361 34.74 -11.92 -38.80
CA PRO A 361 33.42 -12.50 -38.48
C PRO A 361 33.28 -13.91 -39.08
N GLY A 362 32.69 -14.77 -38.28
CA GLY A 362 32.45 -16.16 -38.62
C GLY A 362 33.30 -17.10 -37.79
N THR A 363 34.35 -16.57 -37.15
CA THR A 363 35.29 -17.35 -36.34
C THR A 363 34.63 -17.89 -35.08
N ASP A 364 34.57 -19.23 -34.98
CA ASP A 364 34.05 -19.85 -33.79
C ASP A 364 35.05 -19.63 -32.68
N PHE A 365 34.56 -19.40 -31.47
CA PHE A 365 35.39 -19.15 -30.30
C PHE A 365 36.53 -20.16 -30.13
N LYS A 366 36.29 -21.45 -30.48
CA LYS A 366 37.28 -22.52 -30.41
C LYS A 366 38.44 -22.30 -31.38
N ASP A 367 38.20 -21.56 -32.47
CA ASP A 367 39.22 -21.29 -33.49
C ASP A 367 39.98 -19.99 -33.26
N ILE A 368 39.66 -19.28 -32.16
CA ILE A 368 40.37 -18.06 -31.79
C ILE A 368 41.68 -18.54 -31.13
N PRO A 369 42.88 -18.07 -31.54
CA PRO A 369 44.09 -18.55 -30.86
C PRO A 369 44.16 -18.19 -29.39
N ASP A 370 44.89 -19.00 -28.63
CA ASP A 370 45.24 -18.94 -27.19
C ASP A 370 45.65 -17.53 -26.68
N ASP A 371 46.32 -16.73 -27.53
CA ASP A 371 46.90 -15.42 -27.23
C ASP A 371 45.99 -14.24 -27.51
N TRP A 372 44.69 -14.51 -27.72
CA TRP A 372 43.67 -13.48 -27.90
C TRP A 372 43.16 -13.17 -26.52
N VAL A 373 42.78 -11.91 -26.31
CA VAL A 373 42.24 -11.36 -25.06
C VAL A 373 40.90 -10.68 -25.29
N CYS A 374 40.14 -10.47 -24.20
CA CYS A 374 38.87 -9.77 -24.22
C CYS A 374 39.08 -8.32 -24.70
N PRO A 375 38.34 -7.87 -25.75
CA PRO A 375 38.56 -6.51 -26.24
C PRO A 375 38.09 -5.39 -25.30
N LEU A 376 37.33 -5.74 -24.24
CA LEU A 376 36.80 -4.78 -23.26
C LEU A 376 37.69 -4.64 -22.01
N CYS A 377 38.12 -5.78 -21.40
CA CYS A 377 38.94 -5.76 -20.18
C CYS A 377 40.36 -6.34 -20.34
N GLY A 378 40.61 -7.07 -21.44
CA GLY A 378 41.93 -7.62 -21.75
C GLY A 378 42.37 -8.91 -21.09
N VAL A 379 41.47 -9.65 -20.45
CA VAL A 379 41.82 -10.95 -19.86
C VAL A 379 41.79 -12.02 -20.97
N GLY A 380 42.55 -13.10 -20.79
CA GLY A 380 42.63 -14.18 -21.77
C GLY A 380 41.39 -15.02 -21.94
N LYS A 381 41.40 -15.93 -22.96
CA LYS A 381 40.31 -16.86 -23.31
C LYS A 381 39.91 -17.77 -22.14
N ASP A 382 40.88 -18.09 -21.26
CA ASP A 382 40.71 -18.93 -20.07
C ASP A 382 39.56 -18.44 -19.17
N GLN A 383 39.32 -17.11 -19.14
CA GLN A 383 38.26 -16.47 -18.35
C GLN A 383 36.88 -16.45 -19.06
N PHE A 384 36.77 -17.07 -20.25
CA PHE A 384 35.52 -17.10 -21.00
C PHE A 384 34.71 -18.35 -20.79
N GLU A 385 33.38 -18.17 -20.57
CA GLU A 385 32.41 -19.23 -20.33
C GLU A 385 31.45 -19.34 -21.51
N GLU A 386 30.93 -20.54 -21.77
CA GLU A 386 29.96 -20.77 -22.83
C GLU A 386 28.61 -20.22 -22.38
N VAL A 387 27.89 -19.57 -23.30
CA VAL A 387 26.56 -19.01 -23.06
C VAL A 387 25.59 -20.17 -23.32
N GLU A 388 25.01 -20.72 -22.24
CA GLU A 388 24.09 -21.84 -22.33
C GLU A 388 22.63 -21.40 -22.26
N GLU A 389 21.81 -21.84 -23.24
CA GLU A 389 20.39 -21.53 -23.32
C GLU A 389 19.60 -22.32 -22.27
N ARG A 390 18.97 -21.62 -21.32
CA ARG A 390 18.17 -22.23 -20.26
C ARG A 390 16.73 -21.77 -20.37
N ASP A 391 15.78 -22.73 -20.47
CA ASP A 391 14.33 -22.47 -20.54
C ASP A 391 13.82 -21.75 -19.30
N SER A 392 14.42 -22.07 -18.14
CA SER A 392 14.11 -21.46 -16.86
C SER A 392 14.31 -19.93 -16.88
N GLU A 393 15.35 -19.46 -17.60
CA GLU A 393 15.66 -18.02 -17.72
C GLU A 393 14.57 -17.32 -18.50
N VAL A 394 14.02 -18.00 -19.53
CA VAL A 394 12.95 -17.52 -20.41
C VAL A 394 11.68 -17.48 -19.58
N GLU A 395 11.42 -18.55 -18.79
CA GLU A 395 10.26 -18.71 -17.92
C GLU A 395 10.21 -17.54 -16.92
N MET A 396 11.35 -17.21 -16.29
CA MET A 396 11.51 -16.12 -15.32
C MET A 396 11.37 -14.76 -15.99
N MET A 397 11.92 -14.60 -17.20
CA MET A 397 11.81 -13.34 -17.92
C MET A 397 10.32 -13.08 -18.28
N ALA A 398 9.60 -14.13 -18.72
CA ALA A 398 8.16 -14.08 -19.01
C ALA A 398 7.35 -13.65 -17.75
N GLN A 399 7.69 -14.22 -16.59
CA GLN A 399 7.03 -13.94 -15.32
C GLN A 399 7.34 -12.52 -14.86
N ALA A 400 8.60 -12.06 -14.98
CA ALA A 400 8.98 -10.67 -14.64
C ALA A 400 8.23 -9.66 -15.52
N LEU A 401 7.98 -9.99 -16.80
CA LEU A 401 7.22 -9.16 -17.74
C LEU A 401 5.75 -9.08 -17.34
N GLY A 402 5.17 -10.23 -17.01
CA GLY A 402 3.79 -10.37 -16.57
C GLY A 402 3.51 -9.49 -15.38
N ILE A 403 4.42 -9.51 -14.38
CA ILE A 403 4.33 -8.70 -13.18
C ILE A 403 4.47 -7.21 -13.53
N MET A 404 5.37 -6.86 -14.45
CA MET A 404 5.53 -5.47 -14.86
C MET A 404 4.31 -4.95 -15.63
N VAL A 405 3.68 -5.80 -16.47
CA VAL A 405 2.49 -5.41 -17.24
C VAL A 405 1.33 -5.20 -16.27
N VAL A 406 1.16 -6.13 -15.30
CA VAL A 406 0.10 -6.06 -14.28
C VAL A 406 0.21 -4.73 -13.45
N ALA A 407 1.43 -4.37 -12.99
CA ALA A 407 1.66 -3.12 -12.24
C ALA A 407 1.43 -1.88 -13.12
N SER A 408 1.80 -1.94 -14.41
CA SER A 408 1.57 -0.82 -15.33
C SER A 408 0.08 -0.51 -15.51
N VAL A 409 -0.71 -1.55 -15.79
CA VAL A 409 -2.15 -1.45 -16.04
C VAL A 409 -2.92 -1.13 -14.76
N CYS A 410 -2.60 -1.79 -13.64
CA CYS A 410 -3.32 -1.62 -12.38
C CYS A 410 -2.85 -0.47 -11.51
N TRP A 411 -1.53 -0.24 -11.37
CA TRP A 411 -1.07 0.79 -10.44
C TRP A 411 -0.89 2.20 -11.06
N LEU A 412 -0.44 2.29 -12.33
CA LEU A 412 -0.16 3.59 -12.97
C LEU A 412 -1.36 4.54 -13.04
N PRO A 413 -2.59 4.13 -13.44
CA PRO A 413 -3.70 5.10 -13.45
C PRO A 413 -3.90 5.79 -12.09
N LEU A 414 -3.81 5.03 -10.96
CA LEU A 414 -3.94 5.54 -9.58
C LEU A 414 -2.80 6.48 -9.19
N LEU A 415 -1.57 6.07 -9.49
CA LEU A 415 -0.35 6.83 -9.17
C LEU A 415 -0.33 8.15 -9.89
N VAL A 416 -0.75 8.17 -11.18
CA VAL A 416 -0.84 9.40 -11.97
C VAL A 416 -1.94 10.29 -11.37
N PHE A 417 -3.12 9.71 -11.06
CA PHE A 417 -4.26 10.41 -10.48
C PHE A 417 -3.89 11.07 -9.16
N ILE A 418 -3.20 10.36 -8.25
CA ILE A 418 -2.78 10.93 -6.97
C ILE A 418 -1.98 12.19 -7.25
N ALA A 419 -0.86 12.09 -8.03
CA ALA A 419 0.00 13.22 -8.37
C ALA A 419 -0.74 14.40 -9.07
N GLN A 420 -1.66 14.10 -10.01
CA GLN A 420 -2.48 15.10 -10.72
C GLN A 420 -3.43 15.85 -9.76
N THR A 421 -4.06 15.12 -8.81
CA THR A 421 -5.00 15.70 -7.84
C THR A 421 -4.28 16.67 -6.90
N VAL A 422 -3.14 16.22 -6.37
CA VAL A 422 -2.30 16.93 -5.42
C VAL A 422 -1.66 18.19 -6.03
N LEU A 423 -1.44 18.21 -7.38
CA LEU A 423 -0.80 19.32 -8.11
C LEU A 423 -1.77 20.29 -8.84
N ARG A 424 -3.10 20.04 -8.84
CA ARG A 424 -4.13 20.86 -9.50
C ARG A 424 -4.05 22.38 -9.19
N ASN A 425 -4.03 23.23 -10.28
CA ASN A 425 -3.93 24.73 -10.26
C ASN A 425 -4.90 25.27 -9.26
N PRO A 426 -6.25 25.28 -9.50
CA PRO A 426 -7.15 25.61 -8.37
C PRO A 426 -7.23 24.32 -7.53
N PRO A 427 -7.05 24.34 -6.19
CA PRO A 427 -7.03 23.08 -5.43
C PRO A 427 -8.25 22.17 -5.63
N ALA A 428 -7.96 20.86 -5.80
CA ALA A 428 -8.94 19.77 -5.97
C ALA A 428 -9.83 19.63 -4.72
N MET A 429 -9.23 19.92 -3.55
CA MET A 429 -9.83 19.84 -2.23
C MET A 429 -10.00 21.23 -1.64
N SER A 430 -11.18 21.48 -1.06
CA SER A 430 -11.56 22.73 -0.40
C SER A 430 -10.75 22.89 0.90
N PRO A 431 -10.64 24.11 1.49
CA PRO A 431 -9.89 24.26 2.76
C PRO A 431 -10.36 23.32 3.91
N ALA A 432 -11.69 23.04 3.97
CA ALA A 432 -12.32 22.15 4.96
C ALA A 432 -11.91 20.69 4.75
N GLY A 433 -11.48 20.35 3.55
CA GLY A 433 -11.06 19.01 3.20
C GLY A 433 -12.03 18.28 2.30
N GLN A 434 -12.87 19.01 1.57
CA GLN A 434 -13.86 18.39 0.70
C GLN A 434 -13.44 18.33 -0.76
N LEU A 435 -13.56 17.13 -1.35
CA LEU A 435 -13.30 16.88 -2.77
C LEU A 435 -14.66 16.87 -3.46
N SER A 436 -14.68 17.01 -4.81
CA SER A 436 -15.92 16.93 -5.56
C SER A 436 -16.30 15.44 -5.64
N ARG A 437 -17.61 15.14 -5.84
CA ARG A 437 -18.07 13.75 -5.97
C ARG A 437 -17.38 13.02 -7.13
N THR A 438 -17.12 13.73 -8.25
CA THR A 438 -16.46 13.12 -9.40
C THR A 438 -15.00 12.74 -9.03
N THR A 439 -14.31 13.56 -8.21
CA THR A 439 -12.93 13.25 -7.78
C THR A 439 -12.95 11.98 -6.93
N GLU A 440 -13.89 11.90 -5.96
CA GLU A 440 -14.07 10.78 -5.05
C GLU A 440 -14.42 9.50 -5.79
N LYS A 441 -15.36 9.60 -6.75
CA LYS A 441 -15.80 8.48 -7.58
C LYS A 441 -14.68 7.92 -8.46
N GLU A 442 -13.78 8.80 -8.97
CA GLU A 442 -12.63 8.40 -9.79
C GLU A 442 -11.59 7.73 -8.90
N LEU A 443 -11.29 8.32 -7.72
CA LEU A 443 -10.34 7.74 -6.77
C LEU A 443 -10.76 6.32 -6.38
N LEU A 444 -12.06 6.09 -6.22
CA LEU A 444 -12.57 4.77 -5.91
C LEU A 444 -12.32 3.82 -7.09
N ILE A 445 -12.51 4.30 -8.34
CA ILE A 445 -12.35 3.49 -9.53
C ILE A 445 -10.91 3.03 -9.67
N TYR A 446 -9.96 3.97 -9.55
CA TYR A 446 -8.54 3.68 -9.64
C TYR A 446 -8.06 2.81 -8.49
N LEU A 447 -8.61 3.00 -7.29
CA LEU A 447 -8.24 2.17 -6.16
C LEU A 447 -8.70 0.70 -6.40
N ARG A 448 -9.90 0.54 -6.96
CA ARG A 448 -10.45 -0.76 -7.34
C ARG A 448 -9.61 -1.43 -8.45
N VAL A 449 -9.08 -0.64 -9.42
CA VAL A 449 -8.22 -1.12 -10.51
C VAL A 449 -6.90 -1.65 -9.92
N ALA A 450 -6.31 -0.87 -8.96
CA ALA A 450 -5.07 -1.20 -8.25
C ALA A 450 -5.17 -2.47 -7.42
N THR A 451 -6.36 -2.77 -6.86
CA THR A 451 -6.61 -3.98 -6.06
C THR A 451 -6.29 -5.22 -6.89
N TRP A 452 -6.65 -5.21 -8.19
CA TRP A 452 -6.43 -6.32 -9.12
C TRP A 452 -4.99 -6.74 -9.28
N ASN A 453 -4.02 -5.84 -8.99
CA ASN A 453 -2.61 -6.18 -9.04
C ASN A 453 -2.31 -7.28 -8.01
N GLN A 454 -2.94 -7.19 -6.81
CA GLN A 454 -2.80 -8.15 -5.70
C GLN A 454 -3.48 -9.48 -6.01
N ILE A 455 -4.46 -9.46 -6.92
CA ILE A 455 -5.21 -10.66 -7.36
C ILE A 455 -4.50 -11.34 -8.52
N LEU A 456 -3.90 -10.55 -9.44
CA LEU A 456 -3.31 -11.02 -10.70
C LEU A 456 -1.84 -11.38 -10.63
N ASP A 457 -1.06 -10.76 -9.72
CA ASP A 457 0.36 -11.11 -9.57
C ASP A 457 0.49 -12.64 -9.36
N PRO A 458 -0.31 -13.32 -8.46
CA PRO A 458 -0.20 -14.79 -8.33
C PRO A 458 -0.49 -15.57 -9.61
N TRP A 459 -1.47 -15.11 -10.44
CA TRP A 459 -1.82 -15.75 -11.72
C TRP A 459 -0.71 -15.68 -12.78
N VAL A 460 0.11 -14.60 -12.78
CA VAL A 460 1.25 -14.50 -13.70
C VAL A 460 2.18 -15.69 -13.40
N TYR A 461 2.46 -15.97 -12.11
CA TYR A 461 3.27 -17.13 -11.72
C TYR A 461 2.57 -18.44 -12.04
N ILE A 462 1.26 -18.55 -11.75
CA ILE A 462 0.49 -19.78 -12.00
C ILE A 462 0.45 -20.15 -13.50
N LEU A 463 0.16 -19.18 -14.37
CA LEU A 463 -0.01 -19.36 -15.82
C LEU A 463 1.26 -19.29 -16.66
N PHE A 464 2.20 -18.38 -16.35
CA PHE A 464 3.41 -18.21 -17.17
C PHE A 464 4.50 -19.21 -16.83
N ARG A 465 4.19 -20.49 -16.96
CA ARG A 465 5.11 -21.60 -16.70
C ARG A 465 5.18 -22.57 -17.89
N ARG A 466 6.36 -23.18 -18.13
CA ARG A 466 6.59 -24.15 -19.22
C ARG A 466 5.59 -25.31 -19.17
N ALA A 467 5.34 -25.86 -17.95
CA ALA A 467 4.39 -26.94 -17.69
C ALA A 467 2.96 -26.56 -18.11
N VAL A 468 2.57 -25.26 -17.92
CA VAL A 468 1.25 -24.73 -18.33
C VAL A 468 1.17 -24.69 -19.87
N LEU A 469 2.22 -24.18 -20.54
CA LEU A 469 2.34 -24.10 -22.00
C LEU A 469 2.33 -25.49 -22.64
N ARG A 470 3.07 -26.47 -22.07
CA ARG A 470 3.12 -27.86 -22.59
C ARG A 470 1.74 -28.54 -22.50
N ARG A 471 0.90 -28.13 -21.53
CA ARG A 471 -0.45 -28.66 -21.30
C ARG A 471 -1.55 -27.70 -21.83
N LEU A 472 -1.17 -26.85 -22.80
CA LEU A 472 -2.05 -25.88 -23.46
C LEU A 472 -1.91 -26.01 -24.97
N GLN A 473 -0.66 -26.22 -25.49
CA GLN A 473 -0.38 -26.40 -26.91
C GLN A 473 -1.30 -27.49 -27.54
N PRO A 474 -1.40 -28.75 -27.00
CA PRO A 474 -2.33 -29.72 -27.59
C PRO A 474 -3.81 -29.43 -27.27
N ARG A 475 -4.08 -28.70 -26.17
CA ARG A 475 -5.44 -28.32 -25.73
C ARG A 475 -5.88 -26.93 -26.26
N LEU A 476 -5.39 -26.56 -27.48
CA LEU A 476 -5.66 -25.31 -28.19
C LEU A 476 -5.28 -25.43 -29.67
#